data_7Z39
#
_entry.id   7Z39
#
_cell.length_a   58.508
_cell.length_b   45.753
_cell.length_c   63.462
_cell.angle_alpha   90.000
_cell.angle_beta   112.470
_cell.angle_gamma   90.000
#
_symmetry.space_group_name_H-M   'P 1 21 1'
#
loop_
_entity.id
_entity.type
_entity.pdbx_description
1 polymer 'Casein kinase II subunit alpha'
2 non-polymer 'ACETATE ION'
3 non-polymer 2-[3-[4-(1~{H}-indazol-5-ylamino)quinazolin-2-yl]phenoxy]-~{N}-propan-2-yl-ethanamide
4 non-polymer 'PHOSPHATE ION'
5 water water
#
_entity_poly.entity_id   1
_entity_poly.type   'polypeptide(L)'
_entity_poly.pdbx_seq_one_letter_code
;SGPVPSRARVYTDVNTHRPSEYWDYESHVVEWGNQDDYQLVRKLGRGKYSEVFEAINITNNEKVVVKILKPVAAAKIKRE
IKILENLRGGPNIITLADIVKDPVSRTPALVFEHVNNTDFKQLYQTLTDYDIRFYMYEILKALDYCHSMGIMHRDVKPHN
VMIDHEHRKLRLIDWGLAEFYHPGQEYNVRVASRYFKGPELLVDYQMYDYSLDMWSLGCMLASMIFRKEPFFHGHDNYDQ
LVRIAKVLGTEDLYDYIDKYNIELDPRFNDILGRHSRKRWERFVHSENQHLVSPEALDFLDKLLRYDHQSRLTAREAMEH
PYFYTVVK
;
_entity_poly.pdbx_strand_id   A
#
loop_
_chem_comp.id
_chem_comp.type
_chem_comp.name
_chem_comp.formula
ACT non-polymer 'ACETATE ION' 'C2 H3 O2 -1'
ICQ non-polymer 2-[3-[4-(1~{H}-indazol-5-ylamino)quinazolin-2-yl]phenoxy]-~{N}-propan-2-yl-ethanamide 'C26 H24 N6 O2'
PO4 non-polymer 'PHOSPHATE ION' 'O4 P -3'
#
# COMPACT_ATOMS: atom_id res chain seq x y z
N GLY A 2 -7.54 20.29 -20.92
CA GLY A 2 -6.92 19.02 -20.40
C GLY A 2 -6.93 19.02 -18.87
N PRO A 3 -6.55 17.92 -18.20
CA PRO A 3 -6.49 17.91 -16.73
C PRO A 3 -5.59 19.00 -16.09
N VAL A 4 -6.01 19.51 -14.95
CA VAL A 4 -5.28 20.47 -14.07
C VAL A 4 -4.17 19.66 -13.42
N PRO A 5 -2.93 20.16 -13.28
CA PRO A 5 -1.87 19.40 -12.63
C PRO A 5 -2.06 19.37 -11.12
N SER A 6 -1.33 18.46 -10.51
CA SER A 6 -1.37 18.19 -9.06
C SER A 6 0.05 17.92 -8.56
N ARG A 7 0.29 18.28 -7.30
CA ARG A 7 1.54 18.00 -6.55
C ARG A 7 1.17 17.56 -5.14
N ALA A 8 1.99 16.69 -4.57
CA ALA A 8 1.87 16.28 -3.17
C ALA A 8 1.99 17.52 -2.31
N ARG A 9 1.29 17.51 -1.19
CA ARG A 9 1.34 18.62 -0.23
C ARG A 9 2.49 18.42 0.76
N VAL A 10 3.17 17.28 0.68
CA VAL A 10 4.31 16.91 1.56
C VAL A 10 5.40 16.22 0.72
N TYR A 11 6.67 16.32 1.15
CA TYR A 11 7.82 15.62 0.55
C TYR A 11 7.83 15.84 -0.96
N THR A 12 7.44 17.04 -1.41
CA THR A 12 7.30 17.38 -2.84
C THR A 12 8.67 17.23 -3.49
N ASP A 13 9.72 17.72 -2.84
CA ASP A 13 10.99 17.99 -3.56
C ASP A 13 12.10 17.10 -3.04
N VAL A 14 11.81 16.04 -2.28
N VAL A 14 11.75 16.00 -2.36
CA VAL A 14 12.85 15.15 -1.69
CA VAL A 14 12.67 15.05 -1.69
C VAL A 14 13.75 14.68 -2.84
C VAL A 14 13.67 14.52 -2.72
N ASN A 15 13.17 14.16 -3.93
CA ASN A 15 14.03 13.57 -5.01
C ASN A 15 14.77 14.65 -5.81
N THR A 16 14.21 15.85 -5.98
CA THR A 16 14.79 16.91 -6.85
C THR A 16 16.11 17.35 -6.22
N HIS A 17 16.29 17.12 -4.90
CA HIS A 17 17.42 17.59 -4.05
C HIS A 17 18.33 16.43 -3.59
N ARG A 18 18.16 15.24 -4.13
CA ARG A 18 19.07 14.12 -3.82
C ARG A 18 19.94 13.99 -5.06
N PRO A 19 21.15 13.40 -4.95
CA PRO A 19 21.95 13.19 -6.15
C PRO A 19 21.17 12.19 -7.01
N SER A 20 21.36 12.23 -8.31
CA SER A 20 20.71 11.29 -9.25
C SER A 20 20.99 9.86 -8.76
N GLU A 21 22.09 9.60 -8.04
CA GLU A 21 22.46 8.26 -7.52
C GLU A 21 21.24 7.65 -6.79
N TYR A 22 20.49 8.50 -6.07
CA TYR A 22 19.39 8.04 -5.19
C TYR A 22 18.21 7.52 -6.01
N TRP A 23 17.73 8.29 -7.00
CA TRP A 23 16.46 7.97 -7.71
C TRP A 23 16.69 7.44 -9.13
N ASP A 24 17.87 7.66 -9.74
CA ASP A 24 18.14 7.19 -11.12
C ASP A 24 18.48 5.69 -11.03
N TYR A 25 17.45 4.85 -10.91
CA TYR A 25 17.63 3.42 -10.60
C TYR A 25 18.25 2.72 -11.81
N GLU A 26 18.06 3.25 -13.02
CA GLU A 26 18.66 2.65 -14.26
C GLU A 26 20.19 2.65 -14.19
N SER A 27 20.81 3.62 -13.52
CA SER A 27 22.30 3.77 -13.45
C SER A 27 22.87 2.88 -12.35
N HIS A 28 22.01 2.27 -11.53
CA HIS A 28 22.47 1.57 -10.30
C HIS A 28 23.26 0.32 -10.69
N VAL A 29 24.42 0.06 -10.07
CA VAL A 29 25.14 -1.24 -10.28
C VAL A 29 24.87 -2.18 -9.10
N VAL A 30 24.32 -3.35 -9.38
CA VAL A 30 23.99 -4.38 -8.36
C VAL A 30 25.29 -4.97 -7.80
N GLU A 31 25.40 -5.05 -6.47
CA GLU A 31 26.49 -5.78 -5.76
C GLU A 31 26.01 -7.20 -5.46
N TRP A 32 26.57 -8.20 -6.14
CA TRP A 32 26.11 -9.63 -6.04
C TRP A 32 26.73 -10.30 -4.83
N GLY A 33 25.89 -11.00 -4.06
CA GLY A 33 26.33 -11.89 -2.98
C GLY A 33 26.54 -13.27 -3.55
N ASN A 34 26.80 -14.24 -2.68
CA ASN A 34 27.09 -15.64 -3.03
C ASN A 34 25.79 -16.44 -3.06
N GLN A 35 25.34 -16.92 -4.23
CA GLN A 35 24.08 -17.72 -4.34
C GLN A 35 24.20 -18.99 -3.46
N ASP A 36 25.42 -19.48 -3.24
CA ASP A 36 25.68 -20.74 -2.50
C ASP A 36 25.40 -20.57 -1.00
N ASP A 37 25.28 -19.32 -0.53
CA ASP A 37 24.91 -19.03 0.88
C ASP A 37 23.48 -19.49 1.15
N TYR A 38 22.65 -19.65 0.13
CA TYR A 38 21.18 -19.82 0.32
C TYR A 38 20.74 -21.15 -0.26
N GLN A 39 20.04 -21.92 0.57
CA GLN A 39 19.42 -23.19 0.14
C GLN A 39 17.91 -23.05 0.25
N LEU A 40 17.22 -23.22 -0.87
CA LEU A 40 15.75 -23.17 -0.93
C LEU A 40 15.17 -24.34 -0.15
N VAL A 41 14.14 -24.09 0.65
CA VAL A 41 13.48 -25.10 1.52
C VAL A 41 12.13 -25.46 0.94
N ARG A 42 11.30 -24.47 0.58
CA ARG A 42 9.95 -24.74 0.06
C ARG A 42 9.41 -23.49 -0.62
N LYS A 43 8.63 -23.68 -1.68
CA LYS A 43 7.89 -22.58 -2.32
C LYS A 43 6.87 -21.99 -1.31
N LEU A 44 6.81 -20.68 -1.14
CA LEU A 44 5.79 -20.02 -0.28
C LEU A 44 4.65 -19.44 -1.13
N GLY A 45 4.97 -18.90 -2.31
CA GLY A 45 4.01 -18.13 -3.11
C GLY A 45 4.52 -17.89 -4.52
N ARG A 46 3.60 -17.54 -5.41
CA ARG A 46 3.90 -17.08 -6.78
C ARG A 46 3.01 -15.88 -7.05
N GLY A 47 3.56 -14.83 -7.67
CA GLY A 47 2.79 -13.70 -8.23
C GLY A 47 3.00 -13.64 -9.72
N LYS A 48 2.58 -12.56 -10.37
CA LYS A 48 2.74 -12.55 -11.84
C LYS A 48 4.17 -12.17 -12.16
N TYR A 49 4.90 -11.70 -11.16
CA TYR A 49 6.26 -11.17 -11.44
C TYR A 49 7.32 -11.94 -10.66
N SER A 50 6.91 -12.88 -9.81
CA SER A 50 7.91 -13.54 -8.94
C SER A 50 7.45 -14.85 -8.30
N GLU A 51 8.42 -15.66 -7.91
CA GLU A 51 8.17 -16.85 -7.08
C GLU A 51 8.92 -16.64 -5.78
N VAL A 52 8.29 -16.96 -4.68
CA VAL A 52 8.86 -16.67 -3.35
C VAL A 52 9.08 -18.02 -2.67
N PHE A 53 10.22 -18.16 -2.00
CA PHE A 53 10.64 -19.41 -1.31
C PHE A 53 11.06 -19.12 0.11
N GLU A 54 10.74 -20.04 1.01
CA GLU A 54 11.41 -20.16 2.31
C GLU A 54 12.77 -20.78 2.01
N ALA A 55 13.81 -20.21 2.60
CA ALA A 55 15.19 -20.64 2.38
C ALA A 55 15.94 -20.56 3.70
N ILE A 56 17.15 -21.11 3.69
CA ILE A 56 18.07 -21.04 4.84
C ILE A 56 19.36 -20.39 4.36
N ASN A 57 19.86 -19.48 5.18
CA ASN A 57 21.22 -18.93 5.03
C ASN A 57 22.16 -19.91 5.73
N ILE A 58 22.93 -20.70 4.99
CA ILE A 58 23.75 -21.79 5.59
C ILE A 58 25.00 -21.19 6.27
N THR A 59 25.26 -19.90 6.14
CA THR A 59 26.43 -19.25 6.81
C THR A 59 26.08 -18.92 8.26
N ASN A 60 24.79 -18.86 8.63
CA ASN A 60 24.38 -18.51 10.01
C ASN A 60 23.18 -19.35 10.45
N ASN A 61 22.65 -20.22 9.58
CA ASN A 61 21.51 -21.11 9.91
C ASN A 61 20.22 -20.31 10.08
N GLU A 62 20.15 -19.09 9.55
CA GLU A 62 18.96 -18.21 9.74
C GLU A 62 18.01 -18.38 8.55
N LYS A 63 16.71 -18.41 8.87
CA LYS A 63 15.63 -18.48 7.87
C LYS A 63 15.63 -17.18 7.10
N VAL A 64 15.49 -17.26 5.78
CA VAL A 64 15.33 -16.09 4.90
C VAL A 64 14.18 -16.38 3.93
N VAL A 65 13.75 -15.35 3.24
CA VAL A 65 12.81 -15.48 2.11
C VAL A 65 13.54 -15.04 0.85
N VAL A 66 13.40 -15.86 -0.18
CA VAL A 66 14.06 -15.56 -1.48
C VAL A 66 12.98 -15.30 -2.52
N LYS A 67 13.04 -14.14 -3.16
CA LYS A 67 12.07 -13.79 -4.21
C LYS A 67 12.82 -13.83 -5.55
N ILE A 68 12.46 -14.81 -6.38
CA ILE A 68 13.14 -14.95 -7.70
C ILE A 68 12.24 -14.26 -8.71
N LEU A 69 12.76 -13.19 -9.30
CA LEU A 69 11.99 -12.38 -10.26
C LEU A 69 11.86 -13.20 -11.54
N LYS A 70 10.64 -13.32 -12.06
CA LYS A 70 10.36 -13.76 -13.44
C LYS A 70 11.05 -12.78 -14.38
N PRO A 71 11.51 -13.20 -15.58
CA PRO A 71 12.07 -12.26 -16.57
C PRO A 71 11.04 -11.22 -17.02
N VAL A 72 9.77 -11.55 -16.84
CA VAL A 72 8.64 -10.65 -17.20
C VAL A 72 8.72 -9.34 -16.42
N ALA A 73 9.51 -9.28 -15.34
CA ALA A 73 9.64 -7.99 -14.66
C ALA A 73 9.95 -6.96 -15.73
N ALA A 74 10.67 -7.39 -16.77
CA ALA A 74 11.02 -6.47 -17.88
C ALA A 74 12.15 -5.54 -17.41
N ALA A 75 12.99 -5.99 -16.49
CA ALA A 75 14.19 -5.21 -16.12
C ALA A 75 13.86 -4.13 -15.07
N LYS A 76 12.57 -3.94 -14.75
CA LYS A 76 12.19 -3.01 -13.66
C LYS A 76 12.64 -3.63 -12.34
N ILE A 77 13.42 -4.70 -12.43
CA ILE A 77 14.00 -5.29 -11.20
C ILE A 77 14.84 -4.21 -10.54
N LYS A 78 15.48 -3.36 -11.35
CA LYS A 78 16.42 -2.38 -10.77
C LYS A 78 15.70 -1.33 -9.90
N ARG A 79 14.48 -0.96 -10.26
CA ARG A 79 13.68 0.02 -9.46
C ARG A 79 13.41 -0.59 -8.09
N GLU A 80 13.01 -1.86 -8.07
CA GLU A 80 12.66 -2.52 -6.79
C GLU A 80 13.91 -2.62 -5.91
N ILE A 81 15.02 -3.03 -6.53
CA ILE A 81 16.30 -3.19 -5.77
C ILE A 81 16.71 -1.83 -5.21
N LYS A 82 16.63 -0.79 -6.05
CA LYS A 82 17.09 0.54 -5.62
C LYS A 82 16.18 1.07 -4.50
N ILE A 83 14.88 0.89 -4.68
CA ILE A 83 13.91 1.29 -3.60
C ILE A 83 14.19 0.49 -2.33
N LEU A 84 14.35 -0.83 -2.40
CA LEU A 84 14.63 -1.64 -1.20
C LEU A 84 15.94 -1.18 -0.55
N GLU A 85 16.97 -0.87 -1.33
CA GLU A 85 18.24 -0.43 -0.72
C GLU A 85 18.10 0.96 -0.11
N ASN A 86 17.38 1.85 -0.77
CA ASN A 86 17.15 3.22 -0.21
C ASN A 86 16.43 3.11 1.15
N LEU A 87 15.42 2.25 1.25
CA LEU A 87 14.54 2.17 2.45
C LEU A 87 15.08 1.24 3.53
N ARG A 88 16.16 0.52 3.28
CA ARG A 88 16.64 -0.54 4.18
C ARG A 88 16.88 0.07 5.57
N GLY A 89 16.38 -0.59 6.60
CA GLY A 89 16.51 -0.18 8.00
C GLY A 89 15.45 0.81 8.43
N GLY A 90 14.61 1.27 7.51
CA GLY A 90 13.43 2.08 7.85
C GLY A 90 12.43 1.30 8.69
N PRO A 91 11.64 1.98 9.54
CA PRO A 91 10.72 1.30 10.44
C PRO A 91 9.69 0.50 9.65
N ASN A 92 9.67 -0.79 9.93
CA ASN A 92 8.68 -1.78 9.43
C ASN A 92 8.83 -1.97 7.91
N ILE A 93 9.98 -1.60 7.35
CA ILE A 93 10.31 -1.84 5.92
C ILE A 93 10.95 -3.22 5.84
N ILE A 94 10.46 -4.12 5.00
CA ILE A 94 11.11 -5.44 4.86
C ILE A 94 12.58 -5.19 4.53
N THR A 95 13.47 -5.95 5.17
CA THR A 95 14.94 -5.76 5.03
C THR A 95 15.45 -6.68 3.91
N LEU A 96 15.97 -6.10 2.85
CA LEU A 96 16.73 -6.82 1.81
C LEU A 96 18.12 -7.18 2.33
N ALA A 97 18.35 -8.44 2.61
CA ALA A 97 19.62 -8.95 3.17
C ALA A 97 20.69 -9.12 2.08
N ASP A 98 20.29 -9.50 0.87
CA ASP A 98 21.24 -9.91 -0.19
C ASP A 98 20.55 -9.94 -1.53
N ILE A 99 21.35 -9.86 -2.58
CA ILE A 99 20.94 -10.05 -3.99
C ILE A 99 21.94 -11.06 -4.57
N VAL A 100 21.43 -12.19 -5.04
CA VAL A 100 22.29 -13.25 -5.64
C VAL A 100 21.73 -13.54 -7.04
N LYS A 101 22.52 -14.13 -7.91
CA LYS A 101 22.05 -14.48 -9.27
C LYS A 101 21.49 -15.89 -9.17
N ASP A 102 20.21 -16.14 -9.49
CA ASP A 102 19.67 -17.50 -9.44
C ASP A 102 20.21 -18.28 -10.65
N PRO A 103 20.84 -19.44 -10.38
CA PRO A 103 21.48 -20.23 -11.44
C PRO A 103 20.50 -20.84 -12.44
N VAL A 104 19.26 -21.05 -12.01
CA VAL A 104 18.23 -21.69 -12.86
C VAL A 104 17.55 -20.62 -13.71
N SER A 105 16.98 -19.59 -13.09
CA SER A 105 16.21 -18.54 -13.80
C SER A 105 17.17 -17.57 -14.52
N ARG A 106 18.41 -17.43 -14.01
CA ARG A 106 19.45 -16.50 -14.50
C ARG A 106 18.98 -15.05 -14.24
N THR A 107 18.00 -14.86 -13.36
CA THR A 107 17.51 -13.55 -12.90
C THR A 107 17.99 -13.28 -11.48
N PRO A 108 17.90 -12.02 -11.01
CA PRO A 108 18.21 -11.68 -9.62
C PRO A 108 17.19 -12.34 -8.69
N ALA A 109 17.72 -12.88 -7.60
CA ALA A 109 16.98 -13.42 -6.45
C ALA A 109 17.23 -12.47 -5.28
N LEU A 110 16.16 -11.84 -4.79
CA LEU A 110 16.21 -10.92 -3.63
C LEU A 110 16.07 -11.77 -2.36
N VAL A 111 17.00 -11.61 -1.44
CA VAL A 111 17.02 -12.32 -0.15
C VAL A 111 16.57 -11.32 0.90
N PHE A 112 15.50 -11.66 1.59
CA PHE A 112 14.87 -10.87 2.66
C PHE A 112 14.96 -11.57 4.01
N GLU A 113 14.93 -10.78 5.07
CA GLU A 113 14.63 -11.26 6.43
C GLU A 113 13.32 -12.04 6.38
N HIS A 114 13.21 -13.05 7.23
CA HIS A 114 12.01 -13.89 7.34
C HIS A 114 11.10 -13.31 8.42
N VAL A 115 9.83 -13.10 8.09
CA VAL A 115 8.80 -12.78 9.10
C VAL A 115 7.91 -14.01 9.25
N ASN A 116 7.78 -14.54 10.45
CA ASN A 116 6.89 -15.71 10.70
C ASN A 116 5.44 -15.23 10.61
N ASN A 117 4.90 -15.05 9.40
CA ASN A 117 3.56 -14.46 9.11
C ASN A 117 2.48 -15.43 9.56
N THR A 118 1.35 -14.91 10.04
CA THR A 118 0.09 -15.65 10.27
C THR A 118 -0.90 -15.12 9.23
N ASP A 119 -1.74 -15.97 8.62
CA ASP A 119 -2.60 -15.66 7.44
C ASP A 119 -3.55 -14.50 7.75
N PHE A 120 -3.72 -13.54 6.84
CA PHE A 120 -4.52 -12.29 7.07
C PHE A 120 -6.01 -12.67 7.19
N LYS A 121 -6.47 -13.61 6.35
CA LYS A 121 -7.87 -14.11 6.31
C LYS A 121 -8.20 -14.88 7.61
N GLN A 122 -7.18 -15.22 8.41
CA GLN A 122 -7.35 -15.74 9.80
C GLN A 122 -7.05 -14.64 10.83
N LEU A 123 -6.27 -13.61 10.44
CA LEU A 123 -5.80 -12.53 11.35
C LEU A 123 -6.63 -11.24 11.23
N TYR A 124 -6.49 -10.45 10.15
CA TYR A 124 -7.05 -9.07 10.09
C TYR A 124 -8.57 -9.00 10.29
N GLN A 125 -9.26 -10.13 10.20
CA GLN A 125 -10.70 -10.12 10.52
C GLN A 125 -10.92 -10.83 11.87
N THR A 126 -9.89 -10.86 12.72
N THR A 126 -9.89 -10.88 12.71
CA THR A 126 -10.01 -11.50 14.06
CA THR A 126 -10.00 -11.52 14.06
C THR A 126 -9.27 -10.70 15.12
C THR A 126 -9.29 -10.69 15.12
N LEU A 127 -8.71 -9.55 14.74
CA LEU A 127 -7.95 -8.71 15.70
C LEU A 127 -8.87 -7.95 16.66
N THR A 128 -8.30 -7.51 17.78
CA THR A 128 -9.08 -6.69 18.73
C THR A 128 -9.04 -5.22 18.30
N ASP A 129 -9.92 -4.41 18.86
CA ASP A 129 -9.90 -2.92 18.64
C ASP A 129 -8.48 -2.46 18.88
N TYR A 130 -7.87 -2.88 19.99
CA TYR A 130 -6.54 -2.37 20.35
C TYR A 130 -5.54 -2.79 19.27
N ASP A 131 -5.62 -4.04 18.81
CA ASP A 131 -4.63 -4.60 17.86
C ASP A 131 -4.78 -3.91 16.50
N ILE A 132 -6.01 -3.55 16.09
CA ILE A 132 -6.21 -2.84 14.80
C ILE A 132 -5.45 -1.51 14.90
N ARG A 133 -5.62 -0.81 16.01
CA ARG A 133 -4.98 0.51 16.21
C ARG A 133 -3.46 0.31 16.22
N PHE A 134 -2.99 -0.69 16.95
CA PHE A 134 -1.54 -0.92 17.11
C PHE A 134 -0.91 -1.17 15.72
N TYR A 135 -1.50 -2.06 14.92
CA TYR A 135 -0.90 -2.51 13.64
C TYR A 135 -1.04 -1.40 12.59
N MET A 136 -2.14 -0.65 12.62
N MET A 136 -2.17 -0.68 12.61
CA MET A 136 -2.30 0.51 11.73
CA MET A 136 -2.34 0.51 11.75
C MET A 136 -1.19 1.55 12.00
C MET A 136 -1.19 1.50 12.00
N TYR A 137 -0.82 1.73 13.27
CA TYR A 137 0.23 2.69 13.65
C TYR A 137 1.57 2.17 13.09
N GLU A 138 1.82 0.88 13.18
CA GLU A 138 3.04 0.26 12.64
C GLU A 138 3.06 0.40 11.11
N ILE A 139 1.91 0.25 10.43
CA ILE A 139 1.90 0.47 8.96
C ILE A 139 2.22 1.94 8.65
N LEU A 140 1.65 2.87 9.40
CA LEU A 140 1.88 4.30 9.16
C LEU A 140 3.36 4.63 9.28
N LYS A 141 4.06 4.00 10.23
CA LYS A 141 5.51 4.26 10.37
C LYS A 141 6.19 3.92 9.05
N ALA A 142 5.86 2.77 8.47
CA ALA A 142 6.43 2.36 7.16
C ALA A 142 6.10 3.37 6.08
N LEU A 143 4.82 3.78 5.99
CA LEU A 143 4.38 4.68 4.92
C LEU A 143 4.96 6.08 5.09
N ASP A 144 5.00 6.62 6.28
CA ASP A 144 5.62 7.94 6.42
C ASP A 144 7.11 7.83 6.10
N TYR A 145 7.73 6.73 6.49
CA TYR A 145 9.18 6.61 6.17
C TYR A 145 9.38 6.60 4.65
N CYS A 146 8.66 5.73 3.93
CA CYS A 146 8.91 5.64 2.48
C CYS A 146 8.52 6.96 1.77
N HIS A 147 7.39 7.58 2.14
CA HIS A 147 6.97 8.89 1.61
C HIS A 147 8.04 9.96 1.86
N SER A 148 8.64 9.93 3.05
CA SER A 148 9.66 10.93 3.47
C SER A 148 10.92 10.71 2.63
N MET A 149 11.06 9.51 2.11
CA MET A 149 12.23 9.12 1.30
C MET A 149 11.85 9.19 -0.18
N GLY A 150 10.72 9.82 -0.53
CA GLY A 150 10.43 10.15 -1.94
C GLY A 150 9.88 8.96 -2.72
N ILE A 151 9.29 8.01 -2.00
CA ILE A 151 8.81 6.72 -2.60
C ILE A 151 7.32 6.52 -2.28
N MET A 152 6.58 6.09 -3.30
CA MET A 152 5.18 5.66 -3.07
C MET A 152 5.15 4.14 -3.28
N HIS A 153 4.45 3.42 -2.40
CA HIS A 153 4.40 1.93 -2.50
C HIS A 153 3.48 1.49 -3.63
N ARG A 154 2.27 2.05 -3.70
CA ARG A 154 1.33 1.81 -4.83
C ARG A 154 0.71 0.41 -4.82
N ASP A 155 0.94 -0.37 -3.76
CA ASP A 155 0.29 -1.70 -3.65
C ASP A 155 -0.02 -2.04 -2.20
N VAL A 156 -0.51 -1.08 -1.44
CA VAL A 156 -0.86 -1.32 -0.03
C VAL A 156 -2.14 -2.16 0.03
N LYS A 157 -2.05 -3.32 0.65
CA LYS A 157 -3.19 -4.25 0.80
C LYS A 157 -2.78 -5.28 1.85
N PRO A 158 -3.74 -6.00 2.45
CA PRO A 158 -3.41 -6.91 3.53
C PRO A 158 -2.35 -7.95 3.14
N HIS A 159 -2.37 -8.45 1.91
CA HIS A 159 -1.40 -9.48 1.49
C HIS A 159 0.05 -8.95 1.50
N ASN A 160 0.22 -7.63 1.49
CA ASN A 160 1.59 -7.04 1.44
C ASN A 160 2.02 -6.56 2.82
N VAL A 161 1.27 -6.95 3.84
CA VAL A 161 1.65 -6.66 5.25
C VAL A 161 1.88 -8.00 5.96
N MET A 162 3.14 -8.31 6.26
CA MET A 162 3.50 -9.56 6.96
C MET A 162 3.55 -9.27 8.44
N ILE A 163 2.79 -10.02 9.24
CA ILE A 163 2.69 -9.82 10.70
C ILE A 163 3.05 -11.13 11.41
N ASP A 164 4.00 -11.00 12.31
CA ASP A 164 4.32 -12.07 13.30
C ASP A 164 3.59 -11.66 14.57
N HIS A 165 2.35 -12.15 14.71
CA HIS A 165 1.37 -11.71 15.72
C HIS A 165 1.91 -12.06 17.11
N GLU A 166 2.72 -13.12 17.22
CA GLU A 166 3.38 -13.55 18.48
C GLU A 166 4.34 -12.47 18.98
N HIS A 167 5.21 -11.90 18.11
CA HIS A 167 6.22 -10.87 18.46
C HIS A 167 5.73 -9.45 18.12
N ARG A 168 4.48 -9.30 17.71
CA ARG A 168 3.89 -7.94 17.51
C ARG A 168 4.81 -7.20 16.53
N LYS A 169 5.16 -7.91 15.47
CA LYS A 169 6.16 -7.48 14.47
C LYS A 169 5.49 -7.43 13.10
N LEU A 170 5.64 -6.28 12.44
CA LEU A 170 5.01 -5.97 11.13
C LEU A 170 6.07 -5.56 10.10
N ARG A 171 5.95 -6.04 8.86
CA ARG A 171 6.78 -5.56 7.73
C ARG A 171 5.92 -5.33 6.50
N LEU A 172 6.17 -4.19 5.84
CA LEU A 172 5.51 -3.89 4.56
C LEU A 172 6.40 -4.50 3.47
N ILE A 173 5.82 -5.36 2.64
CA ILE A 173 6.60 -6.10 1.61
C ILE A 173 6.13 -5.77 0.20
N ASP A 174 6.66 -6.49 -0.78
CA ASP A 174 6.34 -6.33 -2.24
C ASP A 174 6.43 -4.88 -2.69
N TRP A 175 7.66 -4.42 -2.83
CA TRP A 175 7.92 -3.06 -3.37
C TRP A 175 8.12 -3.11 -4.90
N GLY A 176 7.60 -4.14 -5.55
CA GLY A 176 7.75 -4.26 -7.02
C GLY A 176 6.92 -3.26 -7.81
N LEU A 177 5.90 -2.66 -7.20
CA LEU A 177 5.13 -1.59 -7.90
C LEU A 177 5.54 -0.20 -7.39
N ALA A 178 6.44 -0.15 -6.42
CA ALA A 178 6.80 1.15 -5.82
C ALA A 178 7.51 2.06 -6.84
N GLU A 179 7.38 3.38 -6.66
CA GLU A 179 7.97 4.33 -7.62
C GLU A 179 8.46 5.57 -6.85
N PHE A 180 9.47 6.22 -7.41
CA PHE A 180 9.96 7.54 -6.95
C PHE A 180 8.96 8.59 -7.36
N TYR A 181 8.62 9.45 -6.40
CA TYR A 181 7.71 10.58 -6.64
C TYR A 181 8.53 11.77 -7.16
N HIS A 182 8.14 12.25 -8.30
CA HIS A 182 8.76 13.43 -8.95
C HIS A 182 7.62 14.38 -9.26
N PRO A 183 7.59 15.59 -8.68
CA PRO A 183 6.49 16.51 -8.92
C PRO A 183 6.28 16.77 -10.42
N GLY A 184 5.02 16.68 -10.83
CA GLY A 184 4.57 16.94 -12.20
C GLY A 184 4.65 15.72 -13.10
N GLN A 185 5.20 14.60 -12.64
CA GLN A 185 5.38 13.33 -13.42
C GLN A 185 4.02 12.66 -13.55
N GLU A 186 3.72 12.15 -14.73
CA GLU A 186 2.51 11.33 -14.95
C GLU A 186 2.89 9.88 -14.77
N TYR A 187 2.10 9.13 -14.03
CA TYR A 187 2.39 7.74 -13.63
C TYR A 187 1.31 6.84 -14.25
N ASN A 188 1.61 5.56 -14.29
CA ASN A 188 0.70 4.52 -14.81
C ASN A 188 -0.41 4.34 -13.78
N VAL A 189 -1.66 4.39 -14.19
CA VAL A 189 -2.82 4.19 -13.26
C VAL A 189 -3.05 2.70 -13.03
N ARG A 190 -2.39 1.79 -13.77
CA ARG A 190 -2.58 0.33 -13.58
C ARG A 190 -1.65 -0.14 -12.47
N VAL A 191 -1.92 0.31 -11.24
CA VAL A 191 -1.19 -0.07 -10.01
C VAL A 191 -2.26 -0.39 -8.95
N ALA A 192 -1.83 -0.95 -7.83
CA ALA A 192 -2.66 -1.36 -6.69
C ALA A 192 -3.63 -2.46 -7.15
N SER A 193 -4.18 -3.16 -6.20
N SER A 193 -4.12 -3.23 -6.20
CA SER A 193 -5.14 -4.24 -6.43
CA SER A 193 -5.14 -4.27 -6.43
C SER A 193 -6.55 -3.64 -6.44
C SER A 193 -6.51 -3.59 -6.51
N ARG A 194 -7.44 -4.14 -7.28
CA ARG A 194 -8.76 -3.52 -7.60
C ARG A 194 -9.38 -2.88 -6.34
N TYR A 195 -9.51 -3.62 -5.23
CA TYR A 195 -10.34 -3.17 -4.10
C TYR A 195 -9.65 -2.02 -3.37
N PHE A 196 -8.35 -1.81 -3.58
CA PHE A 196 -7.54 -0.79 -2.89
C PHE A 196 -7.18 0.35 -3.84
N LYS A 197 -7.66 0.34 -5.08
CA LYS A 197 -7.34 1.39 -6.06
C LYS A 197 -8.01 2.71 -5.64
N GLY A 198 -7.25 3.78 -5.56
CA GLY A 198 -7.81 5.10 -5.27
C GLY A 198 -8.65 5.63 -6.44
N PRO A 199 -9.59 6.52 -6.15
CA PRO A 199 -10.39 7.19 -7.19
C PRO A 199 -9.55 7.79 -8.30
N GLU A 200 -8.39 8.38 -7.98
CA GLU A 200 -7.50 8.95 -9.02
C GLU A 200 -7.16 7.90 -10.10
N LEU A 201 -6.84 6.69 -9.71
CA LEU A 201 -6.60 5.57 -10.66
C LEU A 201 -7.86 5.28 -11.47
N LEU A 202 -8.99 5.19 -10.79
CA LEU A 202 -10.24 4.73 -11.41
C LEU A 202 -10.77 5.75 -12.39
N VAL A 203 -10.43 7.03 -12.22
CA VAL A 203 -10.85 8.09 -13.20
C VAL A 203 -9.70 8.46 -14.16
N ASP A 204 -8.60 7.73 -14.13
CA ASP A 204 -7.48 7.79 -15.08
C ASP A 204 -6.78 9.15 -14.93
N TYR A 205 -6.57 9.59 -13.69
CA TYR A 205 -5.77 10.78 -13.35
C TYR A 205 -4.34 10.33 -13.07
N GLN A 206 -3.39 10.69 -13.93
CA GLN A 206 -2.01 10.14 -13.84
C GLN A 206 -1.09 10.92 -12.90
N MET A 207 -1.40 12.16 -12.54
CA MET A 207 -0.47 12.99 -11.74
C MET A 207 -0.75 12.81 -10.24
N TYR A 208 -0.67 11.57 -9.78
CA TYR A 208 -1.03 11.21 -8.38
C TYR A 208 0.27 11.15 -7.56
N ASP A 209 0.17 10.85 -6.27
CA ASP A 209 1.35 10.93 -5.38
C ASP A 209 1.17 9.95 -4.21
N TYR A 210 1.98 10.16 -3.15
CA TYR A 210 1.96 9.35 -1.92
C TYR A 210 0.55 9.11 -1.37
N SER A 211 -0.36 10.04 -1.61
CA SER A 211 -1.72 10.03 -1.01
C SER A 211 -2.50 8.82 -1.55
N LEU A 212 -2.10 8.23 -2.68
CA LEU A 212 -2.73 6.98 -3.18
C LEU A 212 -2.60 5.86 -2.11
N ASP A 213 -1.47 5.78 -1.42
CA ASP A 213 -1.24 4.80 -0.35
C ASP A 213 -2.23 5.02 0.81
N MET A 214 -2.59 6.28 1.07
CA MET A 214 -3.45 6.60 2.20
C MET A 214 -4.90 6.20 1.88
N TRP A 215 -5.32 6.31 0.62
CA TRP A 215 -6.61 5.68 0.21
C TRP A 215 -6.64 4.17 0.46
N SER A 216 -5.63 3.47 -0.06
CA SER A 216 -5.45 2.00 0.13
C SER A 216 -5.51 1.66 1.61
N LEU A 217 -4.77 2.39 2.45
CA LEU A 217 -4.80 2.15 3.92
C LEU A 217 -6.21 2.34 4.47
N GLY A 218 -6.93 3.38 4.00
CA GLY A 218 -8.31 3.58 4.45
C GLY A 218 -9.17 2.37 4.07
N CYS A 219 -8.96 1.80 2.88
CA CYS A 219 -9.75 0.61 2.45
C CYS A 219 -9.47 -0.55 3.42
N MET A 220 -8.22 -0.72 3.83
CA MET A 220 -7.83 -1.76 4.81
C MET A 220 -8.53 -1.47 6.14
N LEU A 221 -8.50 -0.24 6.62
CA LEU A 221 -9.11 0.07 7.93
C LEU A 221 -10.61 -0.23 7.90
N ALA A 222 -11.29 0.20 6.85
CA ALA A 222 -12.76 0.02 6.78
C ALA A 222 -13.10 -1.47 6.84
N SER A 223 -12.33 -2.28 6.11
N SER A 223 -12.33 -2.28 6.11
CA SER A 223 -12.58 -3.74 6.10
CA SER A 223 -12.59 -3.75 6.10
C SER A 223 -12.37 -4.32 7.50
C SER A 223 -12.37 -4.33 7.49
N MET A 224 -11.39 -3.80 8.24
N MET A 224 -11.40 -3.81 8.23
CA MET A 224 -11.09 -4.35 9.58
CA MET A 224 -11.09 -4.35 9.58
C MET A 224 -12.14 -3.92 10.61
C MET A 224 -12.14 -3.91 10.61
N ILE A 225 -12.43 -2.61 10.69
CA ILE A 225 -13.39 -2.12 11.74
C ILE A 225 -14.83 -2.56 11.43
N PHE A 226 -15.18 -2.72 10.16
CA PHE A 226 -16.58 -3.06 9.83
C PHE A 226 -16.71 -4.57 9.56
N ARG A 227 -15.58 -5.27 9.60
CA ARG A 227 -15.59 -6.73 9.36
C ARG A 227 -16.26 -7.00 8.01
N LYS A 228 -15.76 -6.34 6.96
CA LYS A 228 -16.32 -6.50 5.59
C LYS A 228 -15.15 -6.62 4.63
N GLU A 229 -14.99 -7.78 4.01
CA GLU A 229 -13.84 -8.03 3.10
C GLU A 229 -14.35 -8.24 1.68
N PRO A 230 -13.92 -7.44 0.69
CA PRO A 230 -13.33 -6.13 0.95
C PRO A 230 -14.44 -5.11 1.25
N PHE A 231 -14.04 -3.89 1.61
CA PHE A 231 -15.05 -2.89 1.93
C PHE A 231 -15.78 -2.43 0.66
N PHE A 232 -15.02 -2.08 -0.37
CA PHE A 232 -15.53 -1.64 -1.69
C PHE A 232 -15.33 -2.81 -2.67
N HIS A 233 -16.43 -3.51 -2.96
CA HIS A 233 -16.36 -4.85 -3.60
C HIS A 233 -16.78 -4.73 -5.06
N GLY A 234 -15.94 -4.07 -5.87
CA GLY A 234 -16.15 -3.91 -7.32
C GLY A 234 -16.04 -5.23 -8.07
N HIS A 235 -16.92 -5.40 -9.05
CA HIS A 235 -16.89 -6.55 -10.01
C HIS A 235 -15.77 -6.36 -11.03
N ASP A 236 -15.38 -5.10 -11.27
CA ASP A 236 -14.29 -4.72 -12.21
C ASP A 236 -13.92 -3.27 -11.88
N ASN A 237 -13.01 -2.65 -12.64
CA ASN A 237 -12.46 -1.33 -12.26
C ASN A 237 -13.55 -0.28 -12.39
N TYR A 238 -14.56 -0.46 -13.25
CA TYR A 238 -15.65 0.53 -13.43
C TYR A 238 -16.57 0.42 -12.23
N ASP A 239 -17.03 -0.80 -11.97
CA ASP A 239 -17.94 -1.02 -10.84
C ASP A 239 -17.22 -0.64 -9.55
N GLN A 240 -15.90 -0.70 -9.49
CA GLN A 240 -15.13 -0.32 -8.27
C GLN A 240 -15.43 1.15 -7.96
N LEU A 241 -15.46 2.02 -8.97
CA LEU A 241 -15.79 3.44 -8.69
C LEU A 241 -17.26 3.57 -8.29
N VAL A 242 -18.17 2.79 -8.87
CA VAL A 242 -19.61 2.85 -8.50
C VAL A 242 -19.77 2.44 -7.03
N ARG A 243 -19.03 1.42 -6.60
CA ARG A 243 -19.13 0.95 -5.20
C ARG A 243 -18.67 2.05 -4.24
N ILE A 244 -17.63 2.77 -4.63
CA ILE A 244 -17.14 3.93 -3.83
C ILE A 244 -18.20 5.00 -3.78
N ALA A 245 -18.78 5.31 -4.94
CA ALA A 245 -19.75 6.39 -5.07
C ALA A 245 -21.05 6.07 -4.30
N LYS A 246 -21.41 4.81 -4.11
CA LYS A 246 -22.57 4.42 -3.29
C LYS A 246 -22.34 4.71 -1.80
N VAL A 247 -21.11 4.91 -1.38
CA VAL A 247 -20.79 5.28 0.01
C VAL A 247 -20.50 6.79 0.09
N LEU A 248 -19.58 7.30 -0.71
CA LEU A 248 -19.10 8.69 -0.56
C LEU A 248 -19.99 9.67 -1.32
N GLY A 249 -20.88 9.14 -2.17
CA GLY A 249 -21.81 9.96 -2.96
C GLY A 249 -21.27 10.38 -4.31
N THR A 250 -22.16 10.69 -5.23
CA THR A 250 -21.76 11.17 -6.56
C THR A 250 -21.47 12.68 -6.61
N GLU A 251 -22.07 13.49 -5.77
CA GLU A 251 -21.84 14.97 -5.82
C GLU A 251 -20.37 15.26 -5.52
N ASP A 252 -19.78 14.64 -4.49
CA ASP A 252 -18.35 14.89 -4.17
C ASP A 252 -17.46 14.29 -5.27
N LEU A 253 -17.90 13.23 -5.91
CA LEU A 253 -17.14 12.68 -7.06
C LEU A 253 -17.08 13.73 -8.19
N TYR A 254 -18.21 14.30 -8.54
CA TYR A 254 -18.28 15.29 -9.62
C TYR A 254 -17.42 16.51 -9.21
N ASP A 255 -17.48 16.93 -7.96
CA ASP A 255 -16.66 18.09 -7.53
C ASP A 255 -15.18 17.75 -7.75
N TYR A 256 -14.76 16.52 -7.45
CA TYR A 256 -13.37 16.07 -7.54
C TYR A 256 -12.90 16.11 -8.98
N ILE A 257 -13.65 15.46 -9.89
CA ILE A 257 -13.20 15.44 -11.31
C ILE A 257 -13.36 16.86 -11.89
N ASP A 258 -14.30 17.69 -11.42
CA ASP A 258 -14.42 19.11 -11.88
C ASP A 258 -13.20 19.90 -11.44
N LYS A 259 -12.73 19.72 -10.20
CA LYS A 259 -11.52 20.43 -9.69
C LYS A 259 -10.33 20.14 -10.60
N TYR A 260 -10.11 18.89 -10.97
CA TYR A 260 -8.91 18.50 -11.74
C TYR A 260 -9.18 18.52 -13.26
N ASN A 261 -10.37 18.99 -13.66
CA ASN A 261 -10.75 19.10 -15.09
C ASN A 261 -10.61 17.74 -15.77
N ILE A 262 -11.04 16.65 -15.09
CA ILE A 262 -11.00 15.24 -15.57
C ILE A 262 -12.36 14.99 -16.22
N GLU A 263 -12.34 14.34 -17.37
CA GLU A 263 -13.58 13.81 -17.99
C GLU A 263 -13.75 12.34 -17.60
N LEU A 264 -14.87 11.97 -16.97
CA LEU A 264 -15.17 10.56 -16.69
C LEU A 264 -15.25 9.85 -18.03
N ASP A 265 -14.67 8.67 -18.12
CA ASP A 265 -15.01 7.68 -19.18
C ASP A 265 -16.52 7.70 -19.38
N PRO A 266 -17.04 7.91 -20.61
CA PRO A 266 -18.48 7.92 -20.82
C PRO A 266 -19.19 6.60 -20.47
N ARG A 267 -18.44 5.50 -20.37
CA ARG A 267 -18.93 4.18 -19.89
C ARG A 267 -19.65 4.35 -18.53
N PHE A 268 -19.28 5.38 -17.76
CA PHE A 268 -19.92 5.62 -16.44
C PHE A 268 -21.34 6.21 -16.54
N ASN A 269 -21.74 6.83 -17.67
CA ASN A 269 -23.05 7.55 -17.75
C ASN A 269 -24.21 6.56 -17.46
N ASP A 270 -24.10 5.31 -17.87
CA ASP A 270 -25.19 4.30 -17.73
C ASP A 270 -25.11 3.59 -16.36
N ILE A 271 -24.03 3.70 -15.59
CA ILE A 271 -23.82 2.78 -14.42
C ILE A 271 -23.62 3.54 -13.10
N LEU A 272 -23.21 4.81 -13.13
CA LEU A 272 -22.84 5.52 -11.90
C LEU A 272 -24.08 5.85 -11.07
N GLY A 273 -25.18 6.23 -11.71
CA GLY A 273 -26.38 6.74 -11.02
C GLY A 273 -26.16 7.99 -10.18
N ARG A 274 -27.08 8.23 -9.24
CA ARG A 274 -27.05 9.39 -8.34
C ARG A 274 -27.12 8.88 -6.90
N HIS A 275 -26.08 9.13 -6.11
CA HIS A 275 -25.96 8.58 -4.75
C HIS A 275 -25.61 9.67 -3.78
N SER A 276 -26.29 9.66 -2.64
N SER A 276 -26.26 9.69 -2.62
CA SER A 276 -25.98 10.49 -1.47
CA SER A 276 -25.92 10.63 -1.53
C SER A 276 -24.70 9.95 -0.84
C SER A 276 -24.88 9.98 -0.63
N ARG A 277 -23.97 10.80 -0.12
CA ARG A 277 -22.97 10.33 0.87
C ARG A 277 -23.73 9.65 2.00
N LYS A 278 -23.24 8.49 2.44
CA LYS A 278 -23.83 7.74 3.55
C LYS A 278 -23.08 8.07 4.84
N ARG A 279 -23.79 8.10 5.95
CA ARG A 279 -23.13 8.25 7.25
C ARG A 279 -22.42 6.92 7.59
N TRP A 280 -21.24 6.98 8.21
CA TRP A 280 -20.48 5.75 8.49
C TRP A 280 -21.24 4.80 9.42
N GLU A 281 -22.19 5.27 10.22
CA GLU A 281 -23.01 4.45 11.16
C GLU A 281 -23.86 3.38 10.43
N ARG A 282 -24.11 3.58 9.13
CA ARG A 282 -24.90 2.60 8.35
C ARG A 282 -24.15 1.27 8.25
N PHE A 283 -22.82 1.26 8.45
CA PHE A 283 -22.04 0.01 8.29
C PHE A 283 -21.79 -0.70 9.63
N VAL A 284 -22.28 -0.11 10.70
CA VAL A 284 -22.10 -0.65 12.08
C VAL A 284 -23.21 -1.66 12.34
N HIS A 285 -22.86 -2.78 12.93
CA HIS A 285 -23.86 -3.80 13.29
C HIS A 285 -23.35 -4.55 14.50
N SER A 286 -24.15 -5.47 15.02
CA SER A 286 -23.80 -6.12 16.31
C SER A 286 -22.47 -6.87 16.25
N GLU A 287 -22.05 -7.30 15.06
CA GLU A 287 -20.81 -8.12 14.94
C GLU A 287 -19.55 -7.26 14.83
N ASN A 288 -19.67 -5.94 14.61
CA ASN A 288 -18.44 -5.12 14.41
C ASN A 288 -18.46 -3.86 15.30
N GLN A 289 -19.50 -3.71 16.12
N GLN A 289 -19.50 -3.71 16.12
CA GLN A 289 -19.63 -2.47 16.94
CA GLN A 289 -19.64 -2.48 16.95
C GLN A 289 -18.45 -2.34 17.91
C GLN A 289 -18.43 -2.34 17.90
N HIS A 290 -17.92 -3.48 18.39
CA HIS A 290 -16.79 -3.44 19.36
C HIS A 290 -15.53 -2.85 18.72
N LEU A 291 -15.48 -2.76 17.40
CA LEU A 291 -14.27 -2.26 16.70
C LEU A 291 -14.50 -0.82 16.26
N VAL A 292 -15.71 -0.33 16.47
CA VAL A 292 -16.06 1.03 15.97
C VAL A 292 -16.16 2.03 17.11
N SER A 293 -15.49 3.16 16.97
CA SER A 293 -15.56 4.30 17.91
C SER A 293 -15.71 5.58 17.11
N PRO A 294 -16.08 6.70 17.74
CA PRO A 294 -16.12 7.98 17.07
C PRO A 294 -14.74 8.30 16.45
N GLU A 295 -13.68 7.99 17.21
CA GLU A 295 -12.29 8.26 16.76
C GLU A 295 -11.99 7.41 15.52
N ALA A 296 -12.42 6.15 15.47
CA ALA A 296 -12.16 5.28 14.32
C ALA A 296 -12.85 5.90 13.10
N LEU A 297 -14.13 6.30 13.26
CA LEU A 297 -14.89 6.82 12.11
C LEU A 297 -14.33 8.15 11.62
N ASP A 298 -13.89 9.03 12.53
CA ASP A 298 -13.32 10.33 12.14
C ASP A 298 -12.03 10.09 11.35
N PHE A 299 -11.20 9.15 11.82
CA PHE A 299 -9.95 8.81 11.14
C PHE A 299 -10.26 8.27 9.75
N LEU A 300 -11.15 7.28 9.65
CA LEU A 300 -11.50 6.65 8.36
C LEU A 300 -12.01 7.74 7.43
N ASP A 301 -12.87 8.61 7.94
CA ASP A 301 -13.49 9.68 7.13
C ASP A 301 -12.43 10.57 6.46
N LYS A 302 -11.29 10.78 7.14
CA LYS A 302 -10.23 11.64 6.64
C LYS A 302 -9.21 10.91 5.73
N LEU A 303 -9.29 9.57 5.62
CA LEU A 303 -8.51 8.81 4.62
C LEU A 303 -9.32 8.64 3.34
N LEU A 304 -10.58 8.27 3.49
CA LEU A 304 -11.43 7.91 2.32
C LEU A 304 -12.10 9.18 1.80
N ARG A 305 -11.31 9.99 1.13
CA ARG A 305 -11.77 11.19 0.44
C ARG A 305 -11.39 11.04 -1.03
N TYR A 306 -12.32 11.42 -1.91
CA TYR A 306 -12.01 11.42 -3.34
C TYR A 306 -10.79 12.28 -3.59
N ASP A 307 -10.77 13.53 -3.09
CA ASP A 307 -9.66 14.46 -3.46
C ASP A 307 -8.37 14.00 -2.78
N HIS A 308 -7.44 13.50 -3.56
CA HIS A 308 -6.16 12.94 -3.04
C HIS A 308 -5.40 14.02 -2.25
N GLN A 309 -5.58 15.28 -2.56
CA GLN A 309 -4.90 16.38 -1.85
C GLN A 309 -5.51 16.61 -0.47
N SER A 310 -6.71 16.11 -0.20
N SER A 310 -6.72 16.11 -0.20
CA SER A 310 -7.42 16.42 1.07
CA SER A 310 -7.48 16.40 1.04
C SER A 310 -7.21 15.32 2.11
C SER A 310 -7.37 15.26 2.07
N ARG A 311 -6.69 14.17 1.72
CA ARG A 311 -6.53 13.01 2.62
C ARG A 311 -5.48 13.34 3.67
N LEU A 312 -5.64 12.78 4.88
CA LEU A 312 -4.51 12.78 5.84
C LEU A 312 -3.24 12.26 5.20
N THR A 313 -2.09 12.88 5.52
CA THR A 313 -0.76 12.31 5.21
C THR A 313 -0.46 11.27 6.29
N ALA A 314 0.51 10.39 6.06
CA ALA A 314 0.89 9.37 7.03
C ALA A 314 1.23 10.07 8.37
N ARG A 315 2.03 11.14 8.31
CA ARG A 315 2.44 11.82 9.57
C ARG A 315 1.21 12.40 10.27
N GLU A 316 0.31 13.08 9.55
CA GLU A 316 -0.94 13.59 10.17
C GLU A 316 -1.73 12.42 10.74
N ALA A 317 -1.79 11.31 10.04
CA ALA A 317 -2.58 10.17 10.52
C ALA A 317 -2.05 9.72 11.90
N MET A 318 -0.73 9.72 12.07
CA MET A 318 -0.13 9.20 13.31
C MET A 318 -0.49 10.10 14.51
N GLU A 319 -0.84 11.36 14.26
CA GLU A 319 -1.26 12.35 15.28
C GLU A 319 -2.73 12.13 15.69
N HIS A 320 -3.47 11.28 14.96
CA HIS A 320 -4.94 11.24 15.19
C HIS A 320 -5.31 10.64 16.53
N PRO A 321 -6.40 11.14 17.19
CA PRO A 321 -6.88 10.58 18.44
C PRO A 321 -7.07 9.06 18.44
N TYR A 322 -7.43 8.46 17.30
CA TYR A 322 -7.58 7.01 17.19
C TYR A 322 -6.39 6.29 17.83
N PHE A 323 -5.19 6.87 17.74
CA PHE A 323 -3.95 6.21 18.21
C PHE A 323 -3.56 6.60 19.65
N TYR A 324 -4.32 7.46 20.30
CA TYR A 324 -3.96 7.92 21.67
C TYR A 324 -3.86 6.71 22.61
N THR A 325 -4.68 5.68 22.42
N THR A 325 -4.71 5.68 22.41
CA THR A 325 -4.69 4.49 23.30
CA THR A 325 -4.76 4.41 23.19
C THR A 325 -3.50 3.58 23.01
C THR A 325 -3.48 3.61 23.01
N VAL A 326 -2.80 3.74 21.86
CA VAL A 326 -1.69 2.81 21.54
C VAL A 326 -0.44 3.18 22.35
N VAL A 327 0.14 2.19 23.02
CA VAL A 327 1.37 2.40 23.82
C VAL A 327 2.50 2.78 22.88
N LYS A 328 3.14 3.92 23.15
CA LYS A 328 4.31 4.42 22.38
C LYS A 328 5.49 4.65 23.34
C ACT B . 18.77 -18.84 -5.27
O ACT B . 18.35 -18.05 -6.11
OXT ACT B . 19.07 -19.99 -5.52
CH3 ACT B . 18.98 -18.35 -3.85
O1 ICQ C . 1.43 -17.88 0.92
N1 ICQ C . 3.98 -14.20 -1.36
C1 ICQ C . -0.51 -20.03 1.30
C2 ICQ C . -0.63 -19.18 2.54
C3 ICQ C . -0.02 -18.84 -0.80
C4 ICQ C . 0.97 -17.76 -0.42
C5 ICQ C . 2.40 -16.99 1.33
C6 ICQ C . 2.90 -17.08 2.62
N2 ICQ C . 5.45 -13.41 0.33
C7 ICQ C . 3.89 -16.20 3.00
C8 ICQ C . 4.40 -15.27 2.13
C9 ICQ C . 3.91 -15.19 0.82
C10 ICQ C . 2.90 -16.06 0.43
C11 ICQ C . 4.47 -14.21 -0.14
N3 ICQ C . 7.13 -11.88 -0.11
C12 ICQ C . 4.50 -13.27 -2.23
C13 ICQ C . 4.01 -13.23 -3.56
C14 ICQ C . 4.49 -12.31 -4.44
N4 ICQ C . 9.78 -12.09 4.70
O ICQ C . 0.02 -19.31 -1.94
N ICQ C . -0.90 -19.24 0.12
C ICQ C . -1.39 -21.26 1.37
C18 ICQ C . 6.00 -12.53 -0.50
C17 ICQ C . 5.52 -12.38 -1.84
C16 ICQ C . 5.98 -11.44 -2.79
C15 ICQ C . 5.47 -11.41 -4.06
C19 ICQ C . 7.83 -11.92 1.11
C24 ICQ C . 9.02 -11.21 1.19
C23 ICQ C . 9.76 -11.21 2.36
C22 ICQ C . 9.28 -11.92 3.45
N5 ICQ C . 8.96 -12.88 5.47
C25 ICQ C . 7.95 -13.20 4.69
C21 ICQ C . 8.08 -12.64 3.39
C20 ICQ C . 7.35 -12.65 2.20
C ACT D . 12.43 -2.15 11.65
O ACT D . 11.21 -2.22 11.76
OXT ACT D . 13.07 -2.90 11.04
CH3 ACT D . 13.16 -1.00 12.34
C ACT E . 4.62 0.28 -13.23
O ACT E . 4.91 1.47 -13.23
OXT ACT E . 5.26 -0.60 -12.62
CH3 ACT E . 3.38 -0.14 -14.01
C ACT F . -2.87 -7.33 7.96
O ACT F . -2.16 -8.01 7.20
OXT ACT F . -3.43 -6.28 7.65
CH3 ACT F . -3.09 -7.86 9.38
P PO4 G . -3.28 -3.84 -11.68
O1 PO4 G . -2.74 -4.62 -12.88
O2 PO4 G . -4.31 -4.71 -10.93
O3 PO4 G . -3.96 -2.57 -12.18
O4 PO4 G . -2.11 -3.51 -10.73
#